data_2UVI
#
_entry.id   2UVI
#
_cell.length_a   68.262
_cell.length_b   110.210
_cell.length_c   119.394
_cell.angle_alpha   90.00
_cell.angle_beta   90.00
_cell.angle_gamma   90.00
#
_symmetry.space_group_name_H-M   'C 2 2 21'
#
loop_
_entity.id
_entity.type
_entity.pdbx_description
1 polymer 'ABC TYPE PERIPLASMIC SUGAR-BINDING PROTEIN'
2 branched '4-deoxy-beta-L-threo-hex-4-enopyranuronic acid-(1-4)-alpha-D-galactopyranuronic acid'
3 water water
#
_entity_poly.entity_id   1
_entity_poly.type   'polypeptide(L)'
_entity_poly.pdbx_seq_one_letter_code
;GSHMEVNLRMSWWGGNGRHQVTLKALEEFHKQHPNINVKAEYTGWDGHLSRLTTQIAGGTEPDVMQTNWNWLPIFSKDGT
GFYNLFSVKEQLDLAQFDPKELQQTTVNGKLNGIPISVTARIFYFNDATWAKAGLEYPKTWDELLAAGKVFKEKLGDQYY
PVVLEHQDTLALIRSYMTQKYNIPTIDEANKKFAYSPEQWVEFFTMYKTMVDNHVMPSTKYYASFGKSNMYEMKPWINGE
WAGTYMWNSTITKYSDNLTKPAKLVLGPYPMLPGAKDAGLFFKPAQMLSIGKSTKHPQESAMLINFLLNSKEGVEALGLE
RGVPLSATAVTQLRASGVIKDEDPSVAGLNMALELPHKMTTSPYFDDPQIVSLFGDAIQYIDYGQKTVQETAEYFNKQGD
RILKRAMR
;
_entity_poly.pdbx_strand_id   A
#
loop_
_chem_comp.id
_chem_comp.type
_chem_comp.name
_chem_comp.formula
ADA D-saccharide, alpha linking 'alpha-D-galactopyranuronic acid' 'C6 H10 O7'
AQA L-saccharide, beta linking '4-deoxy-beta-L-threo-hex-4-enopyranuronic acid' 'C6 H8 O6'
#
# COMPACT_ATOMS: atom_id res chain seq x y z
N GLU A 5 -23.22 29.17 -1.49
CA GLU A 5 -23.29 27.70 -1.86
C GLU A 5 -21.98 27.32 -2.58
N VAL A 6 -21.23 26.45 -1.93
CA VAL A 6 -20.05 25.84 -2.51
C VAL A 6 -20.30 24.36 -2.57
N ASN A 7 -20.20 23.84 -3.79
CA ASN A 7 -20.26 22.45 -4.05
C ASN A 7 -18.86 21.88 -4.38
N LEU A 8 -18.45 20.89 -3.60
CA LEU A 8 -17.21 20.18 -3.80
C LEU A 8 -17.50 18.74 -4.09
N ARG A 9 -16.59 18.10 -4.79
CA ARG A 9 -16.58 16.65 -4.84
C ARG A 9 -15.30 16.13 -4.16
N MET A 10 -15.38 14.97 -3.51
CA MET A 10 -14.22 14.40 -2.90
C MET A 10 -14.24 12.99 -3.28
N SER A 11 -13.12 12.47 -3.79
CA SER A 11 -12.95 11.03 -3.96
C SER A 11 -11.96 10.37 -3.00
N TRP A 12 -12.19 9.08 -2.68
CA TRP A 12 -11.19 8.23 -2.04
C TRP A 12 -11.47 6.75 -2.32
N TRP A 13 -10.49 5.90 -1.99
CA TRP A 13 -10.65 4.44 -2.01
C TRP A 13 -10.38 3.86 -0.61
N GLY A 14 -10.84 2.67 -0.37
CA GLY A 14 -10.65 2.02 0.89
C GLY A 14 -11.62 0.87 1.13
N GLY A 15 -11.55 0.28 2.33
CA GLY A 15 -12.55 -0.73 2.71
C GLY A 15 -13.79 -0.01 3.25
N ASN A 16 -14.86 -0.74 3.53
CA ASN A 16 -16.05 -0.08 4.06
C ASN A 16 -15.88 0.61 5.40
N GLY A 17 -15.06 0.03 6.27
CA GLY A 17 -14.72 0.65 7.50
C GLY A 17 -14.33 2.09 7.24
N ARG A 18 -13.47 2.29 6.24
CA ARG A 18 -12.89 3.61 5.90
C ARG A 18 -13.89 4.49 5.22
N HIS A 19 -14.77 3.91 4.40
CA HIS A 19 -15.93 4.65 3.88
C HIS A 19 -16.81 5.20 5.02
N GLN A 20 -17.17 4.34 6.00
CA GLN A 20 -18.08 4.70 7.13
C GLN A 20 -17.58 5.90 7.95
N VAL A 21 -16.29 5.90 8.31
CA VAL A 21 -15.72 7.04 9.07
C VAL A 21 -15.58 8.30 8.25
N THR A 22 -15.26 8.17 6.94
CA THR A 22 -15.11 9.35 6.08
C THR A 22 -16.45 10.06 5.87
N LEU A 23 -17.48 9.27 5.66
CA LEU A 23 -18.87 9.72 5.52
C LEU A 23 -19.41 10.36 6.78
N LYS A 24 -19.10 9.74 7.92
CA LYS A 24 -19.36 10.35 9.22
C LYS A 24 -18.69 11.74 9.32
N ALA A 25 -17.38 11.78 8.99
CA ALA A 25 -16.60 13.00 9.02
C ALA A 25 -17.11 14.08 8.11
N LEU A 26 -17.44 13.75 6.87
CA LEU A 26 -18.12 14.72 5.99
C LEU A 26 -19.48 15.30 6.47
N GLU A 27 -20.29 14.47 7.12
CA GLU A 27 -21.57 14.89 7.72
C GLU A 27 -21.34 15.98 8.77
N GLU A 28 -20.26 15.86 9.55
CA GLU A 28 -19.85 16.87 10.55
C GLU A 28 -19.32 18.12 9.90
N PHE A 29 -18.44 17.95 8.89
CA PHE A 29 -17.91 19.08 8.14
C PHE A 29 -19.06 19.92 7.64
N HIS A 30 -20.01 19.30 6.93
CA HIS A 30 -21.21 20.01 6.45
C HIS A 30 -22.04 20.68 7.56
N LYS A 31 -22.22 19.99 8.70
CA LYS A 31 -22.83 20.57 9.92
C LYS A 31 -22.12 21.84 10.36
N GLN A 32 -20.79 21.79 10.37
CA GLN A 32 -19.98 22.94 10.68
C GLN A 32 -19.94 23.97 9.54
N HIS A 33 -20.33 23.58 8.33
CA HIS A 33 -20.35 24.52 7.19
C HIS A 33 -21.59 24.34 6.34
N PRO A 34 -22.72 24.89 6.79
CA PRO A 34 -24.01 24.80 6.07
C PRO A 34 -23.92 25.16 4.55
N ASN A 35 -22.89 25.94 4.20
CA ASN A 35 -22.78 26.54 2.87
C ASN A 35 -21.91 25.72 1.95
N ILE A 36 -21.25 24.69 2.50
CA ILE A 36 -20.32 23.85 1.75
C ILE A 36 -20.82 22.41 1.70
N ASN A 37 -21.19 21.98 0.49
CA ASN A 37 -21.74 20.66 0.24
C ASN A 37 -20.64 19.83 -0.40
N VAL A 38 -20.45 18.59 0.03
CA VAL A 38 -19.45 17.78 -0.63
C VAL A 38 -20.21 16.57 -1.16
N LYS A 39 -20.11 16.31 -2.47
CA LYS A 39 -20.43 14.99 -3.01
C LYS A 39 -19.23 14.04 -2.87
N ALA A 40 -19.50 12.85 -2.31
CA ALA A 40 -18.50 11.79 -2.06
C ALA A 40 -18.46 10.80 -3.19
N GLU A 41 -17.25 10.39 -3.59
CA GLU A 41 -17.06 9.41 -4.67
C GLU A 41 -16.05 8.43 -4.12
N TYR A 42 -16.49 7.22 -3.80
CA TYR A 42 -15.60 6.29 -3.13
C TYR A 42 -15.75 4.87 -3.62
N THR A 43 -14.62 4.17 -3.76
CA THR A 43 -14.64 2.80 -4.21
C THR A 43 -13.59 2.06 -3.40
N GLY A 44 -13.44 0.75 -3.69
CA GLY A 44 -12.31 0.02 -3.18
C GLY A 44 -11.15 0.44 -4.06
N TRP A 45 -9.99 -0.15 -3.80
CA TRP A 45 -8.76 0.11 -4.55
C TRP A 45 -8.91 -0.25 -6.04
N ASP A 46 -9.69 -1.26 -6.36
CA ASP A 46 -9.68 -1.76 -7.68
C ASP A 46 -10.36 -0.79 -8.71
N GLY A 47 -9.66 -0.54 -9.81
CA GLY A 47 -10.12 0.41 -10.86
C GLY A 47 -10.06 1.89 -10.48
N HIS A 48 -9.68 2.22 -9.25
CA HIS A 48 -9.75 3.59 -8.79
C HIS A 48 -8.76 4.57 -9.45
N LEU A 49 -7.48 4.20 -9.56
CA LEU A 49 -6.55 5.01 -10.38
C LEU A 49 -7.10 5.18 -11.80
N SER A 50 -7.56 4.07 -12.35
CA SER A 50 -8.01 3.94 -13.74
C SER A 50 -9.12 4.96 -13.99
N ARG A 51 -10.10 5.01 -13.08
CA ARG A 51 -11.20 5.95 -13.17
C ARG A 51 -10.76 7.43 -13.07
N LEU A 52 -9.88 7.71 -12.12
CA LEU A 52 -9.37 9.06 -11.92
C LEU A 52 -8.46 9.48 -13.07
N THR A 53 -7.73 8.54 -13.65
CA THR A 53 -6.97 8.85 -14.87
C THR A 53 -7.84 9.35 -16.05
N THR A 54 -9.01 8.73 -16.24
CA THR A 54 -9.95 9.12 -17.23
C THR A 54 -10.51 10.56 -16.91
N GLN A 55 -10.74 10.82 -15.63
CA GLN A 55 -11.23 12.11 -15.16
C GLN A 55 -10.23 13.21 -15.37
N ILE A 56 -8.98 12.94 -14.96
CA ILE A 56 -7.89 13.91 -15.14
C ILE A 56 -7.65 14.22 -16.63
N ALA A 57 -7.70 13.18 -17.48
CA ALA A 57 -7.54 13.39 -18.93
C ALA A 57 -8.63 14.23 -19.60
N GLY A 58 -9.85 14.25 -19.06
CA GLY A 58 -10.95 15.09 -19.56
C GLY A 58 -11.21 16.33 -18.69
N GLY A 59 -10.32 16.56 -17.72
CA GLY A 59 -10.35 17.68 -16.77
C GLY A 59 -11.56 17.70 -15.88
N THR A 60 -12.09 16.53 -15.54
CA THR A 60 -13.26 16.50 -14.64
C THR A 60 -13.00 15.93 -13.24
N GLU A 61 -11.75 15.99 -12.77
CA GLU A 61 -11.41 15.34 -11.48
C GLU A 61 -12.03 16.18 -10.29
N PRO A 62 -12.26 15.53 -9.12
CA PRO A 62 -12.73 16.15 -7.90
C PRO A 62 -11.91 17.30 -7.36
N ASP A 63 -12.55 18.05 -6.46
CA ASP A 63 -11.93 19.23 -5.91
C ASP A 63 -10.89 18.72 -4.97
N VAL A 64 -11.29 17.67 -4.23
CA VAL A 64 -10.44 17.00 -3.24
C VAL A 64 -10.31 15.51 -3.59
N MET A 65 -9.09 15.04 -3.58
CA MET A 65 -8.82 13.65 -3.94
C MET A 65 -7.89 12.99 -2.95
N GLN A 66 -8.18 11.75 -2.58
CA GLN A 66 -7.18 10.93 -1.91
C GLN A 66 -6.34 10.38 -3.03
N THR A 67 -5.04 10.67 -2.94
CA THR A 67 -4.04 10.28 -3.96
C THR A 67 -2.94 9.31 -3.39
N ASN A 68 -2.23 8.64 -4.32
CA ASN A 68 -1.18 7.70 -3.99
C ASN A 68 0.13 8.34 -4.38
N TRP A 69 1.18 8.03 -3.62
CA TRP A 69 2.51 8.62 -3.79
C TRP A 69 3.12 8.28 -5.17
N ASN A 70 2.89 7.06 -5.65
CA ASN A 70 3.39 6.67 -6.97
C ASN A 70 2.69 7.34 -8.20
N TRP A 71 1.54 8.01 -7.98
CA TRP A 71 0.82 8.80 -9.00
C TRP A 71 1.42 10.15 -9.29
N LEU A 72 2.32 10.63 -8.43
CA LEU A 72 3.00 11.92 -8.67
C LEU A 72 3.74 12.01 -10.02
N PRO A 73 4.52 10.97 -10.39
CA PRO A 73 5.13 11.01 -11.72
C PRO A 73 4.12 10.86 -12.88
N ILE A 74 2.99 10.18 -12.61
CA ILE A 74 1.89 9.93 -13.58
C ILE A 74 1.13 11.21 -13.89
N PHE A 75 0.75 11.97 -12.87
CA PHE A 75 -0.08 13.16 -13.08
C PHE A 75 0.61 14.45 -12.94
N SER A 76 1.83 14.43 -12.39
CA SER A 76 2.45 15.67 -11.88
C SER A 76 3.96 15.64 -12.02
N LYS A 77 4.44 15.26 -13.18
CA LYS A 77 5.89 15.21 -13.39
C LYS A 77 6.61 16.53 -13.10
N ASP A 78 5.93 17.65 -13.35
CA ASP A 78 6.48 18.95 -13.07
C ASP A 78 5.87 19.65 -11.82
N GLY A 79 5.10 18.91 -11.03
CA GLY A 79 4.48 19.46 -9.82
C GLY A 79 3.26 20.32 -10.04
N THR A 80 2.86 20.47 -11.30
CA THR A 80 1.65 21.23 -11.58
C THR A 80 0.37 20.40 -11.80
N GLY A 81 0.43 19.08 -11.63
CA GLY A 81 -0.71 18.16 -11.83
C GLY A 81 -1.84 18.30 -10.81
N PHE A 82 -1.48 18.79 -9.62
CA PHE A 82 -2.39 19.09 -8.53
C PHE A 82 -2.11 20.49 -8.05
N TYR A 83 -3.10 21.08 -7.42
CA TYR A 83 -2.97 22.39 -6.89
C TYR A 83 -1.82 22.46 -5.88
N ASN A 84 -1.04 23.52 -5.97
CA ASN A 84 0.05 23.80 -4.99
C ASN A 84 -0.53 24.17 -3.60
N LEU A 85 -0.38 23.26 -2.65
CA LEU A 85 -0.94 23.39 -1.29
C LEU A 85 -0.22 24.47 -0.44
N PHE A 86 0.93 24.92 -0.92
CA PHE A 86 1.53 26.10 -0.35
C PHE A 86 0.62 27.32 -0.60
N SER A 87 -0.17 27.32 -1.69
CA SER A 87 -1.10 28.45 -1.91
C SER A 87 -2.31 28.51 -0.99
N VAL A 88 -2.56 27.46 -0.20
CA VAL A 88 -3.69 27.49 0.70
C VAL A 88 -3.29 27.27 2.17
N LYS A 89 -2.05 27.59 2.51
CA LYS A 89 -1.56 27.50 3.86
C LYS A 89 -2.30 28.37 4.92
N GLU A 90 -3.07 29.35 4.46
CA GLU A 90 -4.02 30.04 5.31
C GLU A 90 -5.15 29.17 5.87
N GLN A 91 -5.63 28.17 5.10
CA GLN A 91 -6.80 27.35 5.48
C GLN A 91 -6.33 26.03 6.11
N LEU A 92 -5.15 25.62 5.64
CA LEU A 92 -4.59 24.29 5.85
C LEU A 92 -3.31 24.45 6.67
N ASP A 93 -3.29 23.83 7.85
CA ASP A 93 -2.20 24.03 8.81
C ASP A 93 -1.02 23.05 8.50
N LEU A 94 -0.05 23.58 7.73
CA LEU A 94 1.01 22.78 7.15
C LEU A 94 2.03 22.39 8.20
N ALA A 95 2.16 23.22 9.22
CA ALA A 95 3.23 23.00 10.20
C ALA A 95 3.03 21.79 11.03
N GLN A 96 1.86 21.15 10.95
CA GLN A 96 1.57 19.92 11.68
C GLN A 96 2.28 18.68 11.15
N PHE A 97 2.72 18.74 9.90
CA PHE A 97 3.27 17.63 9.17
C PHE A 97 4.79 17.78 9.08
N ASP A 98 5.53 16.69 9.27
CA ASP A 98 7.03 16.79 9.32
C ASP A 98 7.55 17.36 7.97
N PRO A 99 8.55 18.29 7.99
CA PRO A 99 9.10 18.85 6.75
C PRO A 99 9.67 17.82 5.76
N LYS A 100 10.14 16.70 6.32
CA LYS A 100 10.74 15.59 5.63
C LYS A 100 9.69 14.62 5.07
N GLU A 101 8.52 14.63 5.71
CA GLU A 101 7.43 13.89 5.14
C GLU A 101 6.81 14.72 4.00
N LEU A 102 6.71 16.02 4.22
CA LEU A 102 6.17 16.94 3.19
C LEU A 102 6.99 16.95 1.93
N GLN A 103 8.31 16.80 2.05
CA GLN A 103 9.19 16.67 0.90
C GLN A 103 8.90 15.49 -0.03
N GLN A 104 8.37 14.40 0.52
CA GLN A 104 7.97 13.25 -0.31
C GLN A 104 6.77 13.50 -1.23
N THR A 105 5.98 14.55 -0.93
CA THR A 105 4.75 14.88 -1.61
C THR A 105 4.86 16.23 -2.34
N THR A 106 6.09 16.70 -2.45
CA THR A 106 6.48 17.95 -3.10
C THR A 106 7.28 17.68 -4.36
N VAL A 107 6.91 18.37 -5.44
CA VAL A 107 7.54 18.16 -6.75
C VAL A 107 7.85 19.52 -7.31
N ASN A 108 9.09 19.76 -7.69
CA ASN A 108 9.46 21.07 -8.27
C ASN A 108 9.03 22.27 -7.43
N GLY A 109 9.14 22.11 -6.10
CA GLY A 109 8.86 23.18 -5.15
C GLY A 109 7.39 23.38 -4.88
N LYS A 110 6.56 22.46 -5.39
CA LYS A 110 5.10 22.58 -5.30
C LYS A 110 4.56 21.45 -4.45
N LEU A 111 3.79 21.77 -3.45
CA LEU A 111 3.27 20.82 -2.53
C LEU A 111 2.01 20.17 -3.12
N ASN A 112 2.13 18.88 -3.44
CA ASN A 112 1.14 18.17 -4.27
C ASN A 112 0.11 17.36 -3.49
N GLY A 113 0.41 17.08 -2.23
CA GLY A 113 -0.49 16.29 -1.40
C GLY A 113 -0.01 16.43 0.01
N ILE A 114 -0.90 16.19 0.97
CA ILE A 114 -0.56 16.04 2.39
C ILE A 114 -0.52 14.56 2.64
N PRO A 115 0.66 14.03 3.05
CA PRO A 115 0.69 12.59 3.34
C PRO A 115 -0.08 12.38 4.65
N ILE A 116 -0.96 11.37 4.65
CA ILE A 116 -1.84 11.17 5.80
C ILE A 116 -1.12 10.39 6.92
N SER A 117 -0.41 9.34 6.48
CA SER A 117 0.41 8.47 7.30
C SER A 117 1.49 7.88 6.41
N VAL A 118 2.48 7.27 7.06
CA VAL A 118 3.52 6.48 6.38
C VAL A 118 3.23 4.99 6.62
N THR A 119 3.78 4.13 5.77
CA THR A 119 3.44 2.71 5.84
C THR A 119 4.58 1.89 5.24
N ALA A 120 4.71 0.63 5.60
CA ALA A 120 5.53 -0.30 4.84
C ALA A 120 4.71 -1.58 4.81
N ARG A 121 4.94 -2.45 3.82
CA ARG A 121 4.35 -3.82 3.85
C ARG A 121 5.02 -4.68 4.94
N ILE A 122 4.26 -5.31 5.83
CA ILE A 122 4.84 -6.21 6.82
C ILE A 122 3.98 -7.46 6.93
N PHE A 123 4.48 -8.43 7.70
CA PHE A 123 3.83 -9.74 7.75
C PHE A 123 2.83 -9.73 8.85
N TYR A 124 1.62 -10.18 8.51
CA TYR A 124 0.53 -10.32 9.46
C TYR A 124 -0.06 -11.69 9.28
N PHE A 125 -0.26 -12.41 10.39
CA PHE A 125 -0.67 -13.82 10.28
C PHE A 125 -1.93 -14.07 11.02
N ASN A 126 -2.72 -14.99 10.50
CA ASN A 126 -3.89 -15.46 11.23
C ASN A 126 -3.43 -16.25 12.47
N ASP A 127 -3.61 -15.72 13.67
CA ASP A 127 -3.09 -16.46 14.86
C ASP A 127 -3.76 -17.85 15.12
N ALA A 128 -5.04 -17.93 14.79
CA ALA A 128 -5.83 -19.18 14.86
C ALA A 128 -5.26 -20.31 14.00
N THR A 129 -4.99 -20.03 12.73
CA THR A 129 -4.51 -21.08 11.82
C THR A 129 -3.07 -21.53 12.18
N TRP A 130 -2.22 -20.57 12.55
CA TRP A 130 -0.83 -20.82 12.97
C TRP A 130 -0.69 -21.69 14.22
N ALA A 131 -1.54 -21.40 15.24
CA ALA A 131 -1.89 -22.30 16.40
C ALA A 131 -2.35 -23.73 16.00
N LYS A 132 -3.22 -23.87 15.01
CA LYS A 132 -3.54 -25.21 14.53
C LYS A 132 -2.35 -25.95 13.88
N ALA A 133 -1.41 -25.20 13.28
CA ALA A 133 -0.29 -25.80 12.58
C ALA A 133 0.81 -26.06 13.59
N GLY A 134 0.72 -25.39 14.72
CA GLY A 134 1.65 -25.59 15.81
C GLY A 134 3.00 -25.01 15.47
N LEU A 135 3.00 -23.98 14.61
CA LEU A 135 4.24 -23.32 14.17
C LEU A 135 4.36 -21.94 14.81
N GLU A 136 5.60 -21.53 15.00
CA GLU A 136 5.89 -20.14 15.23
C GLU A 136 6.04 -19.38 13.90
N TYR A 137 5.75 -18.08 13.95
CA TYR A 137 5.83 -17.24 12.77
C TYR A 137 7.28 -17.27 12.31
N PRO A 138 7.50 -17.25 10.98
CA PRO A 138 8.87 -17.34 10.52
C PRO A 138 9.68 -16.14 11.02
N LYS A 139 10.93 -16.39 11.45
CA LYS A 139 11.86 -15.32 11.82
C LYS A 139 12.87 -15.14 10.70
N THR A 140 12.86 -16.10 9.77
CA THR A 140 13.79 -16.10 8.64
C THR A 140 13.11 -16.46 7.31
N TRP A 141 13.75 -16.10 6.23
CA TRP A 141 13.27 -16.43 4.92
C TRP A 141 13.14 -17.95 4.75
N ASP A 142 14.07 -18.70 5.33
CA ASP A 142 14.04 -20.16 5.27
C ASP A 142 12.83 -20.73 5.96
N GLU A 143 12.60 -20.29 7.19
CA GLU A 143 11.37 -20.58 7.91
C GLU A 143 10.12 -20.19 7.10
N LEU A 144 10.12 -19.00 6.46
CA LEU A 144 8.98 -18.63 5.57
C LEU A 144 8.70 -19.75 4.57
N LEU A 145 9.72 -20.06 3.78
CA LEU A 145 9.70 -21.10 2.76
C LEU A 145 9.48 -22.54 3.26
N ALA A 146 9.98 -22.90 4.44
CA ALA A 146 9.76 -24.20 5.05
C ALA A 146 8.38 -24.34 5.71
N ALA A 147 7.63 -23.24 5.83
CA ALA A 147 6.35 -23.27 6.53
C ALA A 147 5.17 -23.78 5.71
N GLY A 148 5.26 -23.71 4.37
CA GLY A 148 4.19 -24.20 3.50
C GLY A 148 3.98 -25.72 3.57
N LYS A 149 5.10 -26.47 3.48
CA LYS A 149 5.19 -27.94 3.66
C LYS A 149 4.53 -28.43 4.95
N VAL A 150 4.80 -27.75 6.06
CA VAL A 150 4.15 -28.04 7.32
C VAL A 150 2.64 -27.76 7.25
N PHE A 151 2.27 -26.65 6.61
CA PHE A 151 0.87 -26.29 6.48
C PHE A 151 0.11 -27.35 5.69
N LYS A 152 0.71 -27.74 4.57
CA LYS A 152 0.07 -28.64 3.64
C LYS A 152 0.00 -30.05 4.26
N GLU A 153 1.07 -30.44 4.95
CA GLU A 153 1.09 -31.76 5.59
C GLU A 153 0.31 -31.80 6.93
N LYS A 154 0.51 -30.86 7.84
CA LYS A 154 -0.26 -30.83 9.09
C LYS A 154 -1.74 -30.48 8.93
N LEU A 155 -2.07 -29.59 8.01
CA LEU A 155 -3.46 -29.16 7.92
C LEU A 155 -4.22 -29.57 6.62
N GLY A 156 -3.50 -29.71 5.50
CA GLY A 156 -4.12 -30.00 4.21
C GLY A 156 -3.68 -29.13 3.05
N ASP A 157 -3.77 -29.67 1.84
CA ASP A 157 -3.54 -28.97 0.57
C ASP A 157 -4.12 -27.56 0.52
N GLN A 158 -5.24 -27.36 1.19
CA GLN A 158 -5.98 -26.08 1.15
C GLN A 158 -5.40 -24.94 2.06
N TYR A 159 -4.59 -25.29 3.07
CA TYR A 159 -3.99 -24.33 4.01
C TYR A 159 -2.64 -23.78 3.53
N TYR A 160 -2.51 -22.45 3.58
CA TYR A 160 -1.27 -21.78 3.19
C TYR A 160 -0.81 -20.86 4.32
N PRO A 161 0.52 -20.74 4.51
CA PRO A 161 1.07 -19.72 5.43
C PRO A 161 0.57 -18.30 5.15
N VAL A 162 0.48 -17.93 3.86
CA VAL A 162 0.03 -16.60 3.46
C VAL A 162 -0.74 -16.70 2.17
N VAL A 163 -1.53 -15.69 1.85
CA VAL A 163 -1.92 -15.43 0.47
C VAL A 163 -1.17 -14.15 0.00
N LEU A 164 -0.63 -14.20 -1.23
CA LEU A 164 0.03 -13.06 -1.85
C LEU A 164 -0.59 -12.67 -3.18
N GLU A 165 -1.09 -11.45 -3.30
CA GLU A 165 -1.49 -10.94 -4.61
C GLU A 165 -0.25 -10.54 -5.31
N HIS A 166 -0.24 -10.52 -6.65
CA HIS A 166 1.01 -10.24 -7.39
C HIS A 166 1.76 -9.00 -6.98
N GLN A 167 1.05 -7.95 -6.63
CA GLN A 167 1.75 -6.74 -6.18
C GLN A 167 2.49 -6.94 -4.85
N ASP A 168 1.90 -7.76 -3.98
CA ASP A 168 2.44 -8.14 -2.63
C ASP A 168 3.69 -8.88 -2.85
N THR A 169 3.61 -9.89 -3.71
CA THR A 169 4.78 -10.73 -4.12
C THR A 169 5.93 -9.94 -4.75
N LEU A 170 5.61 -8.95 -5.60
CA LEU A 170 6.67 -8.07 -6.17
C LEU A 170 7.47 -7.36 -5.05
N ALA A 171 6.78 -6.64 -4.17
CA ALA A 171 7.39 -5.98 -3.00
C ALA A 171 8.26 -6.96 -2.11
N LEU A 172 7.74 -8.15 -1.80
CA LEU A 172 8.42 -9.19 -1.03
C LEU A 172 9.73 -9.69 -1.59
N ILE A 173 9.72 -10.13 -2.86
CA ILE A 173 10.97 -10.64 -3.47
C ILE A 173 11.99 -9.49 -3.66
N ARG A 174 11.52 -8.30 -4.03
CA ARG A 174 12.41 -7.09 -3.99
C ARG A 174 13.00 -6.90 -2.58
N SER A 175 12.21 -7.06 -1.51
CA SER A 175 12.78 -6.94 -0.14
C SER A 175 13.92 -7.91 0.07
N TYR A 176 13.68 -9.19 -0.24
CA TYR A 176 14.70 -10.24 -0.26
C TYR A 176 15.99 -9.84 -1.05
N MET A 177 15.85 -9.35 -2.28
CA MET A 177 17.00 -9.01 -3.12
C MET A 177 17.82 -7.82 -2.61
N THR A 178 17.10 -6.90 -1.95
CA THR A 178 17.66 -5.69 -1.34
C THR A 178 18.46 -6.07 -0.16
N GLN A 179 17.86 -6.84 0.77
CA GLN A 179 18.57 -7.51 1.88
C GLN A 179 19.85 -8.22 1.42
N LYS A 180 19.74 -9.08 0.41
CA LYS A 180 20.90 -9.73 -0.21
C LYS A 180 21.98 -8.87 -0.88
N TYR A 181 21.60 -8.00 -1.80
CA TYR A 181 22.57 -7.27 -2.63
C TYR A 181 22.72 -5.80 -2.32
N ASN A 182 21.86 -5.27 -1.47
CA ASN A 182 21.92 -3.89 -1.05
C ASN A 182 22.10 -2.86 -2.19
N ILE A 183 21.36 -3.05 -3.29
CA ILE A 183 21.23 -2.08 -4.36
C ILE A 183 19.74 -1.68 -4.61
N PRO A 184 19.50 -0.46 -5.14
CA PRO A 184 18.15 -0.09 -5.59
C PRO A 184 17.62 -1.01 -6.72
N THR A 185 16.30 -1.18 -6.80
CA THR A 185 15.72 -2.01 -7.83
C THR A 185 15.75 -1.33 -9.20
N ILE A 186 15.59 -0.01 -9.17
CA ILE A 186 15.59 0.81 -10.36
C ILE A 186 16.80 1.72 -10.34
N ASP A 187 17.46 1.76 -11.48
CA ASP A 187 18.50 2.70 -11.78
C ASP A 187 17.77 3.92 -12.39
N GLU A 188 17.50 4.95 -11.55
CA GLU A 188 16.69 6.10 -11.98
C GLU A 188 17.41 6.96 -13.03
N ALA A 189 18.74 7.10 -12.86
CA ALA A 189 19.63 7.74 -13.85
C ALA A 189 19.54 7.17 -15.29
N ASN A 190 19.65 5.84 -15.42
CA ASN A 190 19.65 5.18 -16.72
C ASN A 190 18.27 4.78 -17.24
N LYS A 191 17.23 5.19 -16.51
CA LYS A 191 15.83 4.90 -16.83
C LYS A 191 15.58 3.39 -17.05
N LYS A 192 15.99 2.56 -16.07
CA LYS A 192 15.92 1.12 -16.26
C LYS A 192 16.05 0.38 -14.95
N PHE A 193 15.82 -0.94 -14.99
CA PHE A 193 16.07 -1.81 -13.83
C PHE A 193 17.57 -2.05 -13.61
N ALA A 194 17.96 -2.17 -12.35
CA ALA A 194 19.35 -2.25 -11.92
C ALA A 194 19.87 -3.71 -11.83
N TYR A 195 18.94 -4.66 -11.65
CA TYR A 195 19.29 -6.08 -11.52
C TYR A 195 19.93 -6.57 -12.81
N SER A 196 20.85 -7.52 -12.65
CA SER A 196 21.41 -8.21 -13.80
C SER A 196 20.41 -9.32 -14.32
N PRO A 197 20.68 -9.88 -15.53
CA PRO A 197 19.87 -11.03 -16.00
C PRO A 197 19.82 -12.17 -15.02
N GLU A 198 20.98 -12.43 -14.40
CA GLU A 198 21.10 -13.46 -13.36
C GLU A 198 20.18 -13.21 -12.16
N GLN A 199 20.16 -11.98 -11.69
CA GLN A 199 19.41 -11.51 -10.52
C GLN A 199 17.92 -11.57 -10.80
N TRP A 200 17.53 -11.29 -12.04
CA TRP A 200 16.15 -11.52 -12.45
C TRP A 200 15.78 -12.99 -12.50
N VAL A 201 16.73 -13.87 -12.90
CA VAL A 201 16.43 -15.33 -12.86
C VAL A 201 16.23 -15.72 -11.41
N GLU A 202 17.10 -15.19 -10.52
CA GLU A 202 16.99 -15.46 -9.08
C GLU A 202 15.68 -14.99 -8.44
N PHE A 203 15.19 -13.82 -8.89
CA PHE A 203 13.93 -13.22 -8.48
C PHE A 203 12.76 -14.20 -8.82
N PHE A 204 12.61 -14.57 -10.09
CA PHE A 204 11.55 -15.51 -10.49
C PHE A 204 11.74 -16.98 -10.06
N THR A 205 12.98 -17.45 -10.06
CA THR A 205 13.29 -18.63 -9.27
C THR A 205 12.68 -18.60 -7.83
N MET A 206 12.86 -17.52 -7.06
CA MET A 206 12.31 -17.52 -5.71
C MET A 206 10.79 -17.66 -5.64
N TYR A 207 10.08 -16.93 -6.51
CA TYR A 207 8.62 -17.03 -6.69
C TYR A 207 8.22 -18.49 -6.83
N LYS A 208 8.97 -19.18 -7.70
CA LYS A 208 8.61 -20.51 -8.13
C LYS A 208 8.96 -21.49 -7.06
N THR A 209 10.05 -21.25 -6.34
CA THR A 209 10.38 -21.99 -5.10
C THR A 209 9.24 -21.86 -4.09
N MET A 210 8.71 -20.63 -3.90
CA MET A 210 7.66 -20.37 -2.89
C MET A 210 6.36 -21.01 -3.29
N VAL A 211 6.11 -21.02 -4.58
CA VAL A 211 4.91 -21.59 -5.15
C VAL A 211 5.04 -23.12 -5.05
N ASP A 212 6.19 -23.64 -5.46
CA ASP A 212 6.47 -25.08 -5.34
C ASP A 212 6.37 -25.55 -3.93
N ASN A 213 7.03 -24.83 -3.02
CA ASN A 213 6.96 -25.13 -1.57
C ASN A 213 5.67 -24.76 -0.85
N HIS A 214 4.61 -24.44 -1.57
CA HIS A 214 3.25 -24.27 -0.95
C HIS A 214 3.11 -23.08 0.06
N VAL A 215 3.98 -22.07 -0.11
CA VAL A 215 4.01 -20.85 0.74
C VAL A 215 2.70 -20.04 0.59
N MET A 216 2.26 -19.85 -0.65
CA MET A 216 1.07 -19.10 -0.97
C MET A 216 0.42 -19.75 -2.18
N PRO A 217 -0.86 -19.43 -2.43
CA PRO A 217 -1.41 -19.86 -3.72
C PRO A 217 -0.63 -19.43 -4.96
N SER A 218 -0.52 -20.34 -5.92
CA SER A 218 -0.14 -19.99 -7.27
C SER A 218 -1.22 -19.09 -7.87
N THR A 219 -0.92 -18.45 -8.99
CA THR A 219 -1.91 -17.59 -9.62
C THR A 219 -3.11 -18.43 -10.11
N LYS A 220 -2.80 -19.64 -10.62
CA LYS A 220 -3.79 -20.60 -11.11
C LYS A 220 -4.80 -21.06 -10.05
N TYR A 221 -4.31 -21.44 -8.88
CA TYR A 221 -5.18 -21.82 -7.76
C TYR A 221 -6.04 -20.67 -7.18
N TYR A 222 -5.39 -19.51 -6.98
CA TYR A 222 -6.00 -18.26 -6.59
C TYR A 222 -7.19 -17.88 -7.51
N ALA A 223 -7.07 -18.18 -8.80
CA ALA A 223 -8.09 -17.85 -9.79
C ALA A 223 -9.19 -18.94 -9.95
N SER A 224 -9.10 -20.02 -9.20
CA SER A 224 -10.16 -21.04 -9.17
C SER A 224 -11.27 -20.65 -8.19
N PHE A 225 -11.11 -19.49 -7.52
CA PHE A 225 -12.06 -19.00 -6.52
C PHE A 225 -13.15 -18.06 -7.05
N GLY A 226 -12.86 -17.41 -8.17
CA GLY A 226 -13.69 -16.30 -8.60
C GLY A 226 -12.80 -15.08 -8.57
N LYS A 227 -13.38 -13.91 -8.79
CA LYS A 227 -12.60 -12.69 -9.01
C LYS A 227 -12.34 -11.97 -7.69
N SER A 228 -13.14 -12.27 -6.68
CA SER A 228 -13.41 -11.32 -5.60
C SER A 228 -12.12 -10.68 -5.10
N ASN A 229 -12.26 -9.44 -4.62
CA ASN A 229 -11.38 -8.84 -3.62
C ASN A 229 -10.84 -9.83 -2.62
N MET A 230 -9.55 -9.80 -2.36
CA MET A 230 -8.91 -10.88 -1.58
C MET A 230 -9.53 -11.06 -0.21
N TYR A 231 -9.77 -9.95 0.51
CA TYR A 231 -10.30 -9.96 1.87
C TYR A 231 -11.76 -10.47 1.97
N GLU A 232 -12.40 -10.61 0.81
CA GLU A 232 -13.75 -11.09 0.70
C GLU A 232 -13.80 -12.54 0.23
N MET A 233 -12.64 -13.19 0.14
CA MET A 233 -12.55 -14.56 -0.29
C MET A 233 -12.74 -15.49 0.85
N LYS A 234 -13.37 -16.63 0.53
CA LYS A 234 -13.68 -17.69 1.52
C LYS A 234 -12.45 -18.17 2.27
N PRO A 235 -11.38 -18.58 1.56
CA PRO A 235 -10.18 -19.04 2.26
C PRO A 235 -9.44 -17.98 3.08
N TRP A 236 -9.65 -16.69 2.80
CA TRP A 236 -9.13 -15.65 3.66
C TRP A 236 -9.99 -15.60 4.94
N ILE A 237 -11.31 -15.57 4.75
CA ILE A 237 -12.27 -15.44 5.85
C ILE A 237 -12.22 -16.71 6.72
N ASN A 238 -12.21 -17.89 6.08
CA ASN A 238 -12.19 -19.19 6.79
C ASN A 238 -10.85 -19.46 7.47
N GLY A 239 -9.93 -18.51 7.37
CA GLY A 239 -8.59 -18.69 7.91
C GLY A 239 -7.72 -19.74 7.26
N GLU A 240 -8.02 -20.11 6.03
CA GLU A 240 -7.25 -21.11 5.30
C GLU A 240 -5.99 -20.51 4.69
N TRP A 241 -6.10 -19.28 4.17
CA TRP A 241 -4.96 -18.43 3.77
C TRP A 241 -4.58 -17.60 5.03
N ALA A 242 -3.44 -17.93 5.65
CA ALA A 242 -3.25 -17.61 7.09
C ALA A 242 -2.43 -16.34 7.39
N GLY A 243 -2.41 -15.40 6.46
CA GLY A 243 -1.55 -14.26 6.57
C GLY A 243 -1.55 -13.49 5.27
N THR A 244 -0.81 -12.38 5.31
CA THR A 244 -0.78 -11.33 4.27
C THR A 244 0.49 -10.54 4.47
N TYR A 245 1.06 -10.06 3.39
CA TYR A 245 2.18 -9.12 3.43
C TYR A 245 1.56 -7.79 3.00
N MET A 246 1.35 -6.91 3.96
CA MET A 246 0.38 -5.82 3.84
C MET A 246 0.76 -4.53 4.54
N TRP A 247 0.43 -3.42 3.89
CA TRP A 247 0.45 -2.06 4.51
C TRP A 247 -0.24 -2.02 5.84
N ASN A 248 0.44 -1.50 6.87
CA ASN A 248 -0.18 -1.22 8.17
C ASN A 248 -1.29 -0.16 8.12
N SER A 249 -1.36 0.60 7.04
CA SER A 249 -2.33 1.70 6.90
C SER A 249 -3.76 1.29 6.53
N THR A 250 -3.95 0.01 6.22
CA THR A 250 -5.20 -0.53 5.72
C THR A 250 -5.33 -1.98 6.12
N ILE A 251 -4.60 -2.36 7.15
CA ILE A 251 -4.65 -3.74 7.66
C ILE A 251 -6.05 -4.18 8.15
N THR A 252 -6.86 -3.26 8.68
CA THR A 252 -8.20 -3.68 9.18
C THR A 252 -9.22 -3.96 8.10
N LYS A 253 -8.93 -3.57 6.87
CA LYS A 253 -9.71 -3.98 5.72
C LYS A 253 -9.65 -5.50 5.56
N TYR A 254 -8.56 -6.07 6.07
CA TYR A 254 -8.27 -7.51 6.06
C TYR A 254 -8.83 -8.21 7.34
N SER A 255 -8.29 -7.80 8.48
CA SER A 255 -8.65 -8.32 9.79
C SER A 255 -10.14 -8.20 10.18
N ASP A 256 -10.84 -7.20 9.64
CA ASP A 256 -12.27 -7.04 9.90
C ASP A 256 -13.03 -8.24 9.33
N ASN A 257 -12.44 -8.91 8.35
CA ASN A 257 -13.13 -10.07 7.71
C ASN A 257 -12.72 -11.49 8.18
N LEU A 258 -11.90 -11.62 9.22
CA LEU A 258 -11.57 -12.94 9.78
C LEU A 258 -12.73 -13.40 10.67
N THR A 259 -12.81 -14.71 10.92
CA THR A 259 -13.87 -15.29 11.75
C THR A 259 -13.36 -15.31 13.17
N LYS A 260 -14.06 -14.63 14.07
CA LYS A 260 -13.79 -14.66 15.51
C LYS A 260 -13.71 -16.10 16.02
N PRO A 261 -12.74 -16.39 16.92
CA PRO A 261 -11.84 -15.46 17.61
C PRO A 261 -10.43 -15.24 16.97
N ALA A 262 -10.31 -15.57 15.68
CA ALA A 262 -9.10 -15.32 14.88
C ALA A 262 -8.76 -13.85 14.72
N LYS A 263 -7.48 -13.59 14.88
CA LYS A 263 -6.96 -12.25 14.83
C LYS A 263 -5.81 -12.17 13.83
N LEU A 264 -5.66 -11.03 13.14
CA LEU A 264 -4.45 -10.83 12.39
C LEU A 264 -3.51 -10.21 13.34
N VAL A 265 -2.31 -10.73 13.35
CA VAL A 265 -1.35 -10.53 14.38
C VAL A 265 -0.04 -10.14 13.71
N LEU A 266 0.73 -9.25 14.33
CA LEU A 266 2.03 -8.89 13.76
C LEU A 266 2.96 -10.11 13.76
N GLY A 267 3.69 -10.34 12.67
CA GLY A 267 4.72 -11.36 12.59
C GLY A 267 6.08 -10.67 12.59
N PRO A 268 7.18 -11.45 12.79
CA PRO A 268 8.52 -10.86 12.59
C PRO A 268 8.82 -10.57 11.10
N TYR A 269 9.73 -9.63 10.88
CA TYR A 269 10.16 -9.34 9.53
C TYR A 269 11.41 -10.14 9.21
N PRO A 270 11.35 -11.06 8.21
CA PRO A 270 12.56 -11.85 7.87
C PRO A 270 13.71 -10.94 7.45
N MET A 271 14.90 -11.32 7.87
CA MET A 271 16.11 -10.55 7.60
C MET A 271 17.18 -11.58 7.33
N LEU A 272 17.94 -11.39 6.26
CA LEU A 272 19.06 -12.29 6.00
C LEU A 272 20.19 -11.86 6.92
N PRO A 273 20.93 -12.86 7.48
CA PRO A 273 22.21 -12.50 8.17
C PRO A 273 23.14 -11.62 7.28
N GLY A 274 23.67 -10.53 7.85
CA GLY A 274 24.60 -9.68 7.11
C GLY A 274 23.97 -8.61 6.23
N ALA A 275 22.64 -8.56 6.24
CA ALA A 275 21.87 -7.60 5.44
C ALA A 275 22.11 -6.23 6.02
N LYS A 276 22.46 -5.28 5.16
CA LYS A 276 22.62 -3.89 5.51
C LYS A 276 21.33 -3.03 5.28
N ASP A 277 20.25 -3.70 4.87
CA ASP A 277 18.97 -3.06 4.55
C ASP A 277 17.90 -4.08 4.49
N ALA A 278 16.87 -3.88 5.32
CA ALA A 278 15.64 -4.67 5.35
C ALA A 278 14.81 -4.69 4.04
N GLY A 279 15.11 -3.82 3.07
CA GLY A 279 14.35 -3.77 1.82
C GLY A 279 12.86 -3.49 1.97
N LEU A 280 12.53 -2.48 2.77
CA LEU A 280 11.15 -2.07 2.92
C LEU A 280 10.65 -1.29 1.73
N PHE A 281 9.35 -1.37 1.50
CA PHE A 281 8.67 -0.41 0.64
C PHE A 281 7.95 0.60 1.58
N PHE A 282 8.67 1.65 1.96
CA PHE A 282 8.22 2.58 2.96
C PHE A 282 7.98 3.94 2.31
N LYS A 283 6.79 4.53 2.54
CA LYS A 283 6.32 5.62 1.72
C LYS A 283 5.10 6.24 2.40
N PRO A 284 4.69 7.46 1.94
CA PRO A 284 3.34 7.95 2.24
C PRO A 284 2.25 6.88 1.90
N ALA A 285 1.35 6.60 2.86
CA ALA A 285 0.40 5.51 2.71
C ALA A 285 -0.64 6.01 1.71
N GLN A 286 -0.99 7.30 1.89
CA GLN A 286 -1.65 8.09 0.89
C GLN A 286 -1.67 9.54 1.27
N MET A 287 -2.23 10.33 0.34
CA MET A 287 -2.25 11.79 0.43
C MET A 287 -3.67 12.37 0.32
N LEU A 288 -3.85 13.62 0.76
CA LEU A 288 -4.97 14.43 0.25
C LEU A 288 -4.42 15.54 -0.61
N SER A 289 -4.97 15.61 -1.83
CA SER A 289 -4.64 16.57 -2.85
C SER A 289 -5.86 17.42 -3.27
N ILE A 290 -5.61 18.59 -3.84
CA ILE A 290 -6.64 19.49 -4.36
C ILE A 290 -6.51 19.49 -5.89
N GLY A 291 -7.64 19.36 -6.59
CA GLY A 291 -7.65 19.48 -8.05
C GLY A 291 -6.97 20.73 -8.59
N LYS A 292 -6.10 20.57 -9.58
CA LYS A 292 -5.34 21.71 -10.24
C LYS A 292 -6.21 22.96 -10.61
N SER A 293 -7.43 22.67 -11.07
CA SER A 293 -8.31 23.69 -11.63
C SER A 293 -9.60 23.82 -10.87
N THR A 294 -9.58 23.38 -9.62
CA THR A 294 -10.68 23.61 -8.70
C THR A 294 -11.02 25.08 -8.73
N LYS A 295 -12.34 25.32 -8.68
CA LYS A 295 -12.92 26.65 -8.60
C LYS A 295 -12.99 27.11 -7.15
N HIS A 296 -12.73 26.19 -6.22
CA HIS A 296 -12.83 26.41 -4.77
C HIS A 296 -11.59 25.87 -4.03
N PRO A 297 -10.39 26.46 -4.30
CA PRO A 297 -9.17 25.98 -3.61
C PRO A 297 -9.23 26.19 -2.07
N GLN A 298 -9.86 27.26 -1.61
CA GLN A 298 -9.96 27.54 -0.18
C GLN A 298 -10.89 26.64 0.53
N GLU A 299 -12.09 26.41 0.03
CA GLU A 299 -13.01 25.46 0.65
C GLU A 299 -12.47 24.04 0.62
N SER A 300 -11.79 23.67 -0.45
CA SER A 300 -11.11 22.36 -0.52
C SER A 300 -10.05 22.18 0.63
N ALA A 301 -9.18 23.18 0.78
CA ALA A 301 -8.16 23.26 1.84
C ALA A 301 -8.81 23.18 3.22
N MET A 302 -9.92 23.88 3.39
CA MET A 302 -10.69 23.77 4.66
C MET A 302 -11.17 22.36 4.96
N LEU A 303 -11.57 21.64 3.91
CA LEU A 303 -12.03 20.27 4.03
C LEU A 303 -10.86 19.32 4.38
N ILE A 304 -9.74 19.50 3.70
CA ILE A 304 -8.53 18.71 4.01
C ILE A 304 -8.04 19.00 5.43
N ASN A 305 -8.01 20.25 5.86
CA ASN A 305 -7.65 20.59 7.24
C ASN A 305 -8.54 19.93 8.27
N PHE A 306 -9.83 19.93 7.96
CA PHE A 306 -10.82 19.43 8.86
C PHE A 306 -10.56 17.97 9.17
N LEU A 307 -10.29 17.20 8.11
CA LEU A 307 -10.21 15.77 8.17
C LEU A 307 -8.90 15.30 8.80
N LEU A 308 -7.85 16.09 8.66
CA LEU A 308 -6.50 15.75 9.13
C LEU A 308 -6.11 16.47 10.41
N ASN A 309 -6.61 17.68 10.62
CA ASN A 309 -6.22 18.47 11.83
C ASN A 309 -7.31 18.77 12.89
N SER A 310 -8.57 18.90 12.49
CA SER A 310 -9.60 19.30 13.49
C SER A 310 -9.82 18.20 14.55
N LYS A 311 -10.19 18.60 15.76
CA LYS A 311 -10.60 17.61 16.74
C LYS A 311 -11.63 16.67 16.15
N GLU A 312 -12.67 17.22 15.53
CA GLU A 312 -13.84 16.39 15.16
C GLU A 312 -13.60 15.47 13.95
N GLY A 313 -12.89 15.98 12.95
CA GLY A 313 -12.44 15.16 11.83
C GLY A 313 -11.43 14.10 12.24
N VAL A 314 -10.37 14.48 12.91
CA VAL A 314 -9.46 13.48 13.54
C VAL A 314 -10.19 12.40 14.36
N GLU A 315 -11.10 12.78 15.23
CA GLU A 315 -11.86 11.78 15.97
C GLU A 315 -12.68 10.86 15.07
N ALA A 316 -13.39 11.46 14.12
CA ALA A 316 -14.14 10.70 13.12
C ALA A 316 -13.24 9.73 12.35
N LEU A 317 -12.14 10.25 11.81
CA LEU A 317 -11.36 9.39 10.91
C LEU A 317 -10.60 8.26 11.61
N GLY A 318 -10.32 8.43 12.91
CA GLY A 318 -9.73 7.36 13.74
C GLY A 318 -8.46 6.86 13.08
N LEU A 319 -8.27 5.54 12.99
CA LEU A 319 -7.06 4.97 12.34
C LEU A 319 -7.32 4.23 11.01
N GLU A 320 -8.41 4.54 10.34
CA GLU A 320 -8.71 3.89 9.09
C GLU A 320 -7.73 4.13 7.97
N ARG A 321 -6.76 5.05 8.16
CA ARG A 321 -5.76 5.38 7.12
C ARG A 321 -4.31 5.20 7.62
N GLY A 322 -4.24 4.67 8.83
CA GLY A 322 -3.02 4.54 9.63
C GLY A 322 -2.86 5.65 10.67
N VAL A 323 -1.69 5.62 11.29
CA VAL A 323 -1.30 6.53 12.34
C VAL A 323 -1.05 7.88 11.67
N PRO A 324 -1.85 8.91 12.05
CA PRO A 324 -1.67 10.22 11.50
C PRO A 324 -0.26 10.79 11.64
N LEU A 325 0.20 11.53 10.60
CA LEU A 325 1.43 12.29 10.58
C LEU A 325 1.24 13.68 11.16
N SER A 326 -0.01 14.15 11.17
CA SER A 326 -0.33 15.44 11.80
C SER A 326 0.05 15.34 13.28
N ALA A 327 0.84 16.29 13.76
CA ALA A 327 1.29 16.22 15.15
C ALA A 327 0.06 16.23 16.09
N THR A 328 -0.86 17.16 15.81
CA THR A 328 -2.02 17.38 16.69
C THR A 328 -2.87 16.15 16.70
N ALA A 329 -3.02 15.52 15.54
CA ALA A 329 -3.95 14.42 15.34
C ALA A 329 -3.46 13.10 15.95
N VAL A 330 -2.15 12.84 15.87
CA VAL A 330 -1.61 11.60 16.38
C VAL A 330 -1.58 11.69 17.91
N THR A 331 -1.36 12.90 18.43
CA THR A 331 -1.43 13.20 19.88
C THR A 331 -2.85 13.02 20.43
N GLN A 332 -3.85 13.41 19.66
CA GLN A 332 -5.28 13.23 20.03
C GLN A 332 -5.67 11.80 20.17
N LEU A 333 -5.18 10.99 19.23
CA LEU A 333 -5.56 9.63 19.14
C LEU A 333 -4.87 8.87 20.22
N ARG A 334 -3.65 9.27 20.54
CA ARG A 334 -2.92 8.69 21.65
C ARG A 334 -3.63 9.02 22.97
N ALA A 335 -3.96 10.30 23.19
CA ALA A 335 -4.72 10.70 24.38
C ALA A 335 -6.14 10.06 24.55
N SER A 336 -6.82 9.75 23.46
CA SER A 336 -8.19 9.20 23.52
C SER A 336 -8.15 7.70 23.74
N GLY A 337 -6.94 7.14 23.64
CA GLY A 337 -6.68 5.74 23.80
C GLY A 337 -6.79 4.99 22.51
N VAL A 338 -6.94 5.70 21.39
CA VAL A 338 -7.19 5.00 20.10
C VAL A 338 -5.85 4.44 19.56
N ILE A 339 -4.76 5.17 19.78
CA ILE A 339 -3.46 4.59 19.46
C ILE A 339 -2.94 3.86 20.72
N LYS A 340 -2.77 2.55 20.56
CA LYS A 340 -2.17 1.74 21.59
C LYS A 340 -1.07 0.94 20.99
N ASP A 341 0.02 0.85 21.74
CA ASP A 341 1.29 0.26 21.32
C ASP A 341 1.14 -1.14 20.82
N GLU A 342 0.14 -1.83 21.37
CA GLU A 342 -0.06 -3.23 21.08
C GLU A 342 -0.95 -3.49 19.85
N ASP A 343 -1.67 -2.46 19.40
CA ASP A 343 -2.41 -2.43 18.12
C ASP A 343 -1.44 -2.96 17.02
N PRO A 344 -1.82 -4.03 16.28
CA PRO A 344 -0.92 -4.55 15.20
C PRO A 344 -0.54 -3.52 14.08
N SER A 345 -1.43 -2.56 13.85
CA SER A 345 -1.20 -1.46 12.92
C SER A 345 -0.07 -0.54 13.40
N VAL A 346 -0.17 -0.13 14.67
CA VAL A 346 0.81 0.69 15.33
C VAL A 346 2.15 -0.11 15.49
N ALA A 347 2.06 -1.33 16.02
CA ALA A 347 3.24 -2.18 16.27
C ALA A 347 3.97 -2.61 15.00
N GLY A 348 3.21 -2.96 13.97
CA GLY A 348 3.73 -3.09 12.58
C GLY A 348 4.70 -2.02 12.12
N LEU A 349 4.22 -0.77 12.10
CA LEU A 349 5.06 0.41 11.85
C LEU A 349 6.33 0.54 12.75
N ASN A 350 6.15 0.54 14.09
CA ASN A 350 7.24 0.73 15.04
C ASN A 350 8.32 -0.34 14.82
N MET A 351 7.90 -1.61 14.69
CA MET A 351 8.83 -2.68 14.43
C MET A 351 9.62 -2.45 13.15
N ALA A 352 8.96 -1.79 12.18
CA ALA A 352 9.46 -1.58 10.81
C ALA A 352 10.55 -0.50 10.73
N LEU A 353 10.28 0.62 11.39
CA LEU A 353 11.23 1.71 11.57
C LEU A 353 12.54 1.34 12.27
N GLU A 354 12.50 0.34 13.15
CA GLU A 354 13.68 -0.15 13.88
C GLU A 354 14.55 -1.06 13.02
N LEU A 355 13.91 -1.61 11.98
CA LEU A 355 14.57 -2.32 10.88
C LEU A 355 15.50 -1.35 10.15
N PRO A 356 16.69 -1.80 9.75
CA PRO A 356 17.51 -0.84 9.03
C PRO A 356 16.94 -0.61 7.62
N HIS A 357 16.76 0.65 7.23
CA HIS A 357 15.98 0.93 6.03
C HIS A 357 16.35 2.19 5.25
N LYS A 358 17.66 2.40 5.06
CA LYS A 358 18.17 3.57 4.30
C LYS A 358 17.76 3.65 2.80
N MET A 359 17.65 2.49 2.16
CA MET A 359 17.17 2.37 0.78
C MET A 359 15.73 2.90 0.58
N THR A 360 15.59 3.91 -0.25
CA THR A 360 14.28 4.34 -0.67
C THR A 360 13.87 3.65 -2.00
N THR A 361 12.53 3.57 -2.12
CA THR A 361 11.87 2.97 -3.24
C THR A 361 11.53 4.13 -4.19
N SER A 362 11.81 3.88 -5.44
CA SER A 362 11.51 4.75 -6.56
C SER A 362 10.00 4.63 -6.80
N PRO A 363 9.31 5.78 -7.06
CA PRO A 363 7.91 5.65 -7.40
C PRO A 363 7.64 4.79 -8.66
N TYR A 364 8.66 4.63 -9.52
CA TYR A 364 8.60 3.85 -10.75
C TYR A 364 8.57 2.35 -10.49
N PHE A 365 9.07 1.93 -9.30
CA PHE A 365 8.99 0.51 -8.95
C PHE A 365 7.52 0.08 -8.83
N ASP A 366 6.66 1.05 -8.51
CA ASP A 366 5.22 0.84 -8.36
C ASP A 366 4.40 1.44 -9.50
N ASP A 367 4.94 1.44 -10.72
CA ASP A 367 4.21 1.89 -11.89
C ASP A 367 3.18 0.84 -12.11
N PRO A 368 1.93 1.26 -12.40
CA PRO A 368 0.88 0.33 -12.62
C PRO A 368 1.11 -0.64 -13.81
N GLN A 369 1.75 -0.17 -14.89
CA GLN A 369 2.16 -1.06 -16.03
C GLN A 369 3.23 -2.11 -15.54
N ILE A 370 4.12 -1.69 -14.64
CA ILE A 370 5.16 -2.60 -14.12
C ILE A 370 4.52 -3.66 -13.24
N VAL A 371 3.63 -3.23 -12.31
CA VAL A 371 2.87 -4.15 -11.46
C VAL A 371 2.03 -5.19 -12.23
N SER A 372 1.33 -4.77 -13.28
CA SER A 372 0.55 -5.62 -14.20
C SER A 372 1.53 -6.50 -14.99
N LEU A 373 2.59 -5.88 -15.52
CA LEU A 373 3.66 -6.72 -16.11
C LEU A 373 4.09 -7.85 -15.18
N PHE A 374 4.17 -7.61 -13.86
CA PHE A 374 4.60 -8.64 -12.90
C PHE A 374 3.58 -9.73 -12.70
N GLY A 375 2.29 -9.39 -12.61
CA GLY A 375 1.26 -10.42 -12.53
C GLY A 375 1.18 -11.32 -13.75
N ASP A 376 1.32 -10.71 -14.92
CA ASP A 376 1.38 -11.40 -16.22
C ASP A 376 2.47 -12.41 -16.19
N ALA A 377 3.64 -11.95 -15.76
CA ALA A 377 4.92 -12.72 -15.67
C ALA A 377 4.82 -14.02 -14.88
N ILE A 378 4.24 -13.94 -13.68
CA ILE A 378 4.18 -15.11 -12.80
C ILE A 378 3.04 -16.03 -13.21
N GLN A 379 2.08 -15.45 -13.93
CA GLN A 379 1.02 -16.23 -14.59
C GLN A 379 1.56 -17.09 -15.70
N TYR A 380 2.54 -16.60 -16.45
CA TYR A 380 3.20 -17.42 -17.47
C TYR A 380 3.92 -18.61 -16.84
N ILE A 381 4.53 -18.40 -15.68
CA ILE A 381 5.26 -19.46 -15.01
C ILE A 381 4.27 -20.48 -14.52
N ASP A 382 3.16 -19.98 -13.95
CA ASP A 382 2.17 -20.83 -13.24
C ASP A 382 1.28 -21.65 -14.20
N TYR A 383 1.08 -21.12 -15.40
CA TYR A 383 0.25 -21.71 -16.44
C TYR A 383 1.12 -22.39 -17.50
N GLY A 384 2.37 -22.67 -17.15
CA GLY A 384 3.25 -23.52 -17.92
C GLY A 384 3.75 -22.95 -19.23
N GLN A 385 3.25 -21.77 -19.58
CA GLN A 385 3.54 -21.03 -20.83
C GLN A 385 4.96 -20.53 -21.05
N LYS A 386 5.61 -20.06 -19.98
CA LYS A 386 6.99 -19.56 -20.09
C LYS A 386 7.79 -20.17 -18.96
N THR A 387 9.04 -20.51 -19.21
CA THR A 387 9.87 -21.09 -18.18
C THR A 387 10.30 -19.93 -17.28
N VAL A 388 10.99 -20.27 -16.21
CA VAL A 388 11.52 -19.28 -15.30
C VAL A 388 12.50 -18.34 -15.99
N GLN A 389 13.42 -18.87 -16.80
CA GLN A 389 14.41 -18.03 -17.46
C GLN A 389 13.78 -17.13 -18.52
N GLU A 390 12.87 -17.68 -19.31
CA GLU A 390 12.15 -16.93 -20.33
C GLU A 390 11.36 -15.76 -19.70
N THR A 391 10.68 -16.06 -18.60
CA THR A 391 9.88 -15.09 -17.83
C THR A 391 10.77 -13.93 -17.27
N ALA A 392 11.97 -14.30 -16.80
CA ALA A 392 12.94 -13.37 -16.26
C ALA A 392 13.44 -12.42 -17.33
N GLU A 393 13.67 -12.98 -18.53
CA GLU A 393 14.14 -12.19 -19.72
C GLU A 393 13.05 -11.30 -20.25
N TYR A 394 11.83 -11.82 -20.23
CA TYR A 394 10.64 -11.12 -20.67
C TYR A 394 10.35 -9.93 -19.75
N PHE A 395 10.42 -10.17 -18.42
CA PHE A 395 10.20 -9.11 -17.43
C PHE A 395 11.24 -8.03 -17.58
N ASN A 396 12.51 -8.40 -17.53
CA ASN A 396 13.61 -7.46 -17.71
C ASN A 396 13.36 -6.53 -18.93
N LYS A 397 13.11 -7.13 -20.10
CA LYS A 397 12.98 -6.42 -21.38
C LYS A 397 11.75 -5.49 -21.49
N GLN A 398 10.58 -6.05 -21.21
CA GLN A 398 9.34 -5.32 -21.35
C GLN A 398 9.14 -4.30 -20.25
N GLY A 399 9.70 -4.58 -19.08
CA GLY A 399 9.64 -3.69 -17.92
C GLY A 399 10.55 -2.50 -18.11
N ASP A 400 11.76 -2.74 -18.60
CA ASP A 400 12.62 -1.63 -19.07
C ASP A 400 11.92 -0.68 -20.08
N ARG A 401 11.08 -1.23 -20.95
CA ARG A 401 10.40 -0.41 -21.97
C ARG A 401 9.39 0.53 -21.36
N ILE A 402 8.58 -0.05 -20.46
CA ILE A 402 7.61 0.67 -19.62
C ILE A 402 8.32 1.77 -18.82
N LEU A 403 9.45 1.44 -18.22
CA LEU A 403 10.20 2.43 -17.46
C LEU A 403 10.68 3.60 -18.30
N LYS A 404 10.84 3.40 -19.60
CA LYS A 404 11.22 4.49 -20.49
C LYS A 404 9.98 5.31 -20.87
N ARG A 405 8.84 4.65 -21.02
CA ARG A 405 7.56 5.34 -21.22
C ARG A 405 7.06 6.04 -19.92
N ALA A 406 7.26 5.39 -18.77
CA ALA A 406 6.98 5.97 -17.45
C ALA A 406 7.87 7.16 -17.04
N MET A 407 9.17 7.05 -17.30
CA MET A 407 10.20 8.04 -16.93
C MET A 407 10.36 9.18 -17.96
N ARG A 408 9.51 9.18 -18.99
CA ARG A 408 9.44 10.27 -19.97
C ARG A 408 8.98 11.56 -19.30
C1 ADA B . -3.00 -3.18 -1.16
C2 ADA B . -4.10 -2.25 -0.62
C3 ADA B . -4.58 -1.25 -1.70
C4 ADA B . -3.45 -0.51 -2.43
C5 ADA B . -2.63 -1.63 -3.05
C6 ADA B . -1.37 -1.02 -3.61
O1 ADA B . -3.64 -3.99 -1.99
O2 ADA B . -5.19 -3.04 -0.17
O3 ADA B . -5.44 -0.28 -1.16
O4 ADA B . -2.55 0.22 -1.62
O5 ADA B . -2.06 -2.59 -2.11
O6B ADA B . -0.31 -1.18 -2.97
O6A ADA B . -1.45 -0.39 -4.67
O6A AQA B . -5.54 2.04 1.40
C6 AQA B . -4.36 2.20 1.80
O6B AQA B . -4.04 2.44 3.00
C5 AQA B . -3.29 2.06 0.76
O5 AQA B . -3.75 1.79 -0.54
C4 AQA B . -1.83 2.23 1.15
C3 AQA B . -0.85 1.96 0.03
O3 AQA B . 0.25 2.88 0.22
C2 AQA B . -1.43 2.23 -1.38
O2 AQA B . -0.54 1.84 -2.44
C1 AQA B . -2.79 1.58 -1.58
#